data_6XHC
#
_entry.id   6XHC
#
_cell.length_a   100.756
_cell.length_b   32.686
_cell.length_c   72.723
_cell.angle_alpha   90.000
_cell.angle_beta   90.460
_cell.angle_gamma   90.000
#
_symmetry.space_group_name_H-M   'C 1 2 1'
#
loop_
_entity.id
_entity.type
_entity.pdbx_description
1 polymer 'Ribonuclease pancreatic'
2 non-polymer '2-[[[(2~{R},3~{S},4~{R},5~{R})-5-(6-aminopurin-9-yl)-3,4-bis(oxidanyl)oxolan-2-yl]methoxy-oxidanyl-phosphoryl]amino]ethanoic acid'
3 water water
#
_entity_poly.entity_id   1
_entity_poly.type   'polypeptide(L)'
_entity_poly.pdbx_seq_one_letter_code
;KETAAAKFERQHMDSSTSAASSSNYCNQMMKSRNLTKDRCKPVNTFVHESLADVQAVCSQKNVACKNGQTNCYQSYSTMS
ITDCRETGSSKYPNCAYKTTQANKHIIVACEGNPYVPVHFDASV
;
_entity_poly.pdbx_strand_id   A,B
#
loop_
_chem_comp.id
_chem_comp.type
_chem_comp.name
_chem_comp.formula
V2G non-polymer '2-[[[(2~{R},3~{S},4~{R},5~{R})-5-(6-aminopurin-9-yl)-3,4-bis(oxidanyl)oxolan-2-yl]methoxy-oxidanyl-phosphoryl]amino]ethanoic acid' 'C12 H17 N6 O8 P'
#
# COMPACT_ATOMS: atom_id res chain seq x y z
N LYS A 1 -15.24 -4.10 -17.10
CA LYS A 1 -15.07 -2.74 -17.64
C LYS A 1 -13.80 -2.70 -18.49
N GLU A 2 -13.82 -3.29 -19.69
CA GLU A 2 -12.67 -3.25 -20.64
C GLU A 2 -11.39 -3.79 -19.99
N THR A 3 -10.47 -2.89 -19.63
CA THR A 3 -9.22 -3.31 -18.95
C THR A 3 -9.51 -3.86 -17.56
N ALA A 4 -8.62 -4.72 -17.08
CA ALA A 4 -8.77 -5.28 -15.72
C ALA A 4 -8.70 -4.14 -14.70
N ALA A 5 -7.83 -3.19 -14.96
CA ALA A 5 -7.69 -2.05 -14.05
C ALA A 5 -9.00 -1.26 -14.04
N ALA A 6 -9.55 -0.99 -15.22
CA ALA A 6 -10.83 -0.25 -15.32
C ALA A 6 -11.93 -1.04 -14.61
N LYS A 7 -11.94 -2.35 -14.79
CA LYS A 7 -12.96 -3.24 -14.18
C LYS A 7 -12.84 -3.11 -12.65
N PHE A 8 -11.63 -3.11 -12.12
CA PHE A 8 -11.43 -2.96 -10.66
C PHE A 8 -12.03 -1.61 -10.19
N GLU A 9 -11.77 -0.52 -10.91
CA GLU A 9 -12.31 0.82 -10.55
C GLU A 9 -13.86 0.77 -10.58
N ARG A 10 -14.44 0.17 -11.60
CA ARG A 10 -15.93 0.07 -11.74
C ARG A 10 -16.51 -0.76 -10.59
N GLN A 11 -15.90 -1.90 -10.30
CA GLN A 11 -16.46 -2.87 -9.33
C GLN A 11 -16.18 -2.45 -7.88
N HIS A 12 -15.10 -1.71 -7.60
CA HIS A 12 -14.59 -1.60 -6.21
C HIS A 12 -14.29 -0.19 -5.72
N MET A 13 -14.18 0.81 -6.59
CA MET A 13 -13.83 2.17 -6.14
C MET A 13 -15.10 3.02 -5.96
N ASP A 14 -15.25 3.66 -4.82
CA ASP A 14 -16.25 4.74 -4.63
C ASP A 14 -15.69 5.82 -3.70
N SER A 15 -14.77 6.64 -4.21
CA SER A 15 -14.29 7.87 -3.54
C SER A 15 -15.09 9.03 -4.13
N SER A 16 -16.08 8.70 -4.98
CA SER A 16 -16.83 9.63 -5.88
C SER A 16 -17.61 10.64 -5.05
N THR A 17 -17.66 10.41 -3.75
CA THR A 17 -18.36 11.24 -2.74
C THR A 17 -18.19 10.59 -1.38
N SER A 18 -18.75 9.38 -1.26
CA SER A 18 -19.08 8.73 0.03
C SER A 18 -17.79 8.42 0.79
N ALA A 19 -17.69 8.96 2.01
CA ALA A 19 -16.74 8.55 3.06
C ALA A 19 -17.25 7.24 3.70
N ALA A 20 -18.58 6.97 3.57
CA ALA A 20 -19.35 5.80 4.08
C ALA A 20 -20.55 5.49 3.14
N SER A 21 -21.82 5.40 3.61
CA SER A 21 -22.99 4.95 2.79
C SER A 21 -24.34 4.96 3.54
N SER A 22 -25.48 4.81 2.81
CA SER A 22 -26.89 4.68 3.36
C SER A 22 -27.39 3.22 3.26
N SER A 23 -28.60 2.94 3.78
CA SER A 23 -29.19 1.57 3.87
C SER A 23 -29.54 1.02 2.47
N ASN A 24 -29.74 1.88 1.47
CA ASN A 24 -30.05 1.45 0.09
C ASN A 24 -28.81 1.60 -0.81
N TYR A 25 -27.65 1.91 -0.23
CA TYR A 25 -26.38 2.16 -0.98
C TYR A 25 -26.06 0.97 -1.88
N CYS A 26 -25.96 -0.23 -1.32
CA CYS A 26 -25.62 -1.46 -2.06
C CYS A 26 -26.69 -1.75 -3.14
N ASN A 27 -27.96 -1.59 -2.81
CA ASN A 27 -29.04 -1.80 -3.80
C ASN A 27 -28.78 -0.92 -5.02
N GLN A 28 -28.44 0.36 -4.82
CA GLN A 28 -28.23 1.34 -5.91
C GLN A 28 -26.91 1.04 -6.63
N MET A 29 -25.83 0.84 -5.88
CA MET A 29 -24.45 0.78 -6.41
C MET A 29 -24.20 -0.56 -7.11
N MET A 30 -24.69 -1.66 -6.55
CA MET A 30 -24.57 -2.97 -7.23
C MET A 30 -25.23 -2.85 -8.62
N LYS A 31 -26.34 -2.13 -8.73
CA LYS A 31 -27.04 -1.95 -10.03
C LYS A 31 -26.29 -0.97 -10.92
N SER A 32 -25.94 0.20 -10.42
CA SER A 32 -25.38 1.31 -11.23
C SER A 32 -23.99 0.93 -11.77
N ARG A 33 -23.26 0.05 -11.07
CA ARG A 33 -21.90 -0.40 -11.49
C ARG A 33 -21.97 -1.68 -12.33
N ASN A 34 -23.20 -2.11 -12.69
CA ASN A 34 -23.48 -3.22 -13.64
C ASN A 34 -23.08 -4.57 -13.04
N LEU A 35 -23.21 -4.74 -11.73
CA LEU A 35 -22.88 -6.00 -11.02
C LEU A 35 -24.15 -6.84 -10.84
N THR A 36 -25.26 -6.41 -11.46
CA THR A 36 -26.57 -7.11 -11.39
C THR A 36 -27.15 -7.32 -12.80
N LYS A 37 -26.33 -7.18 -13.85
CA LYS A 37 -26.79 -7.26 -15.27
C LYS A 37 -27.07 -8.72 -15.68
N ASP A 38 -26.11 -9.61 -15.47
CA ASP A 38 -26.16 -11.04 -15.91
C ASP A 38 -26.78 -11.90 -14.81
N ARG A 39 -26.48 -11.57 -13.55
CA ARG A 39 -26.95 -12.28 -12.35
C ARG A 39 -26.84 -11.30 -11.17
N CYS A 40 -27.30 -11.67 -9.98
CA CYS A 40 -27.02 -10.92 -8.75
C CYS A 40 -25.62 -11.32 -8.26
N LYS A 41 -24.61 -10.48 -8.47
CA LYS A 41 -23.28 -10.75 -7.87
C LYS A 41 -23.51 -10.89 -6.38
N PRO A 42 -23.21 -12.06 -5.76
CA PRO A 42 -23.60 -12.34 -4.37
C PRO A 42 -22.91 -11.50 -3.27
N VAL A 43 -21.64 -11.13 -3.47
CA VAL A 43 -20.89 -10.26 -2.51
C VAL A 43 -19.99 -9.32 -3.31
N ASN A 44 -19.76 -8.12 -2.79
CA ASN A 44 -18.87 -7.13 -3.45
C ASN A 44 -18.47 -6.07 -2.44
N THR A 45 -17.25 -5.54 -2.55
CA THR A 45 -16.76 -4.48 -1.63
C THR A 45 -16.44 -3.22 -2.42
N PHE A 46 -16.85 -2.07 -1.88
CA PHE A 46 -16.53 -0.73 -2.38
C PHE A 46 -15.60 -0.04 -1.39
N VAL A 47 -14.58 0.62 -1.91
CA VAL A 47 -13.53 1.29 -1.10
C VAL A 47 -13.71 2.80 -1.21
N HIS A 48 -13.86 3.47 -0.07
CA HIS A 48 -14.07 4.94 0.03
C HIS A 48 -12.74 5.59 0.39
N GLU A 49 -11.77 5.49 -0.51
CA GLU A 49 -10.45 6.15 -0.39
C GLU A 49 -10.10 6.64 -1.78
N SER A 50 -9.15 7.55 -1.89
CA SER A 50 -8.67 8.05 -3.21
C SER A 50 -8.15 6.89 -4.04
N LEU A 51 -8.26 6.99 -5.37
CA LEU A 51 -7.64 6.03 -6.30
C LEU A 51 -6.14 5.94 -5.97
N ALA A 52 -5.47 7.08 -5.72
CA ALA A 52 -4.01 7.10 -5.46
C ALA A 52 -3.71 6.22 -4.23
N ASP A 53 -4.49 6.38 -3.17
CA ASP A 53 -4.33 5.60 -1.91
C ASP A 53 -4.52 4.10 -2.18
N VAL A 54 -5.49 3.72 -3.01
CA VAL A 54 -5.76 2.27 -3.26
C VAL A 54 -4.68 1.73 -4.21
N GLN A 55 -4.27 2.50 -5.23
CA GLN A 55 -3.18 2.09 -6.14
C GLN A 55 -1.90 1.88 -5.32
N ALA A 56 -1.69 2.68 -4.28
CA ALA A 56 -0.47 2.65 -3.43
C ALA A 56 -0.36 1.30 -2.69
N VAL A 57 -1.48 0.60 -2.50
CA VAL A 57 -1.47 -0.70 -1.76
C VAL A 57 -0.61 -1.71 -2.52
N CYS A 58 -0.45 -1.57 -3.84
CA CYS A 58 0.35 -2.50 -4.68
C CYS A 58 1.85 -2.45 -4.29
N SER A 59 2.29 -1.50 -3.44
CA SER A 59 3.68 -1.40 -2.96
C SER A 59 3.77 -1.58 -1.43
N GLN A 60 2.69 -2.06 -0.82
CA GLN A 60 2.59 -2.25 0.65
C GLN A 60 2.80 -3.74 0.97
N LYS A 61 2.06 -4.32 1.92
CA LYS A 61 2.47 -5.58 2.57
C LYS A 61 2.11 -6.79 1.68
N ASN A 62 3.13 -7.47 1.15
CA ASN A 62 2.94 -8.63 0.27
C ASN A 62 2.39 -9.78 1.12
N VAL A 63 1.23 -10.31 0.73
CA VAL A 63 0.56 -11.44 1.42
C VAL A 63 0.10 -12.44 0.37
N ALA A 64 -0.07 -13.70 0.75
CA ALA A 64 -0.60 -14.72 -0.18
C ALA A 64 -2.02 -14.35 -0.61
N CYS A 65 -2.32 -14.53 -1.88
CA CYS A 65 -3.68 -14.45 -2.42
C CYS A 65 -4.48 -15.71 -2.08
N LYS A 66 -5.81 -15.59 -2.01
CA LYS A 66 -6.73 -16.72 -1.71
C LYS A 66 -6.53 -17.82 -2.76
N ASN A 67 -6.17 -17.47 -3.99
CA ASN A 67 -5.98 -18.45 -5.10
C ASN A 67 -4.55 -19.01 -5.10
N GLY A 68 -3.69 -18.61 -4.17
CA GLY A 68 -2.32 -19.15 -4.04
C GLY A 68 -1.26 -18.38 -4.84
N GLN A 69 -1.65 -17.38 -5.62
CA GLN A 69 -0.69 -16.48 -6.28
C GLN A 69 -0.04 -15.61 -5.20
N THR A 70 1.06 -14.95 -5.55
CA THR A 70 1.89 -14.16 -4.62
C THR A 70 1.74 -12.66 -4.90
N ASN A 71 0.80 -12.25 -5.75
CA ASN A 71 0.70 -10.84 -6.19
C ASN A 71 -0.39 -10.11 -5.40
N CYS A 72 -0.57 -10.43 -4.11
CA CYS A 72 -1.58 -9.74 -3.25
C CYS A 72 -0.86 -8.87 -2.23
N TYR A 73 -1.51 -7.77 -1.86
CA TYR A 73 -0.94 -6.73 -0.98
C TYR A 73 -2.00 -6.25 -0.02
N GLN A 74 -1.60 -6.13 1.25
CA GLN A 74 -2.47 -5.67 2.34
C GLN A 74 -2.13 -4.22 2.69
N SER A 75 -3.13 -3.37 2.82
CA SER A 75 -2.93 -1.94 3.14
C SER A 75 -2.35 -1.83 4.55
N TYR A 76 -1.34 -0.98 4.75
CA TYR A 76 -0.76 -0.75 6.10
C TYR A 76 -1.79 -0.06 6.99
N SER A 77 -2.59 0.84 6.43
CA SER A 77 -3.64 1.59 7.16
C SER A 77 -5.00 0.93 6.93
N THR A 78 -5.93 1.08 7.89
CA THR A 78 -7.34 0.70 7.67
C THR A 78 -7.91 1.68 6.64
N MET A 79 -8.88 1.20 5.87
CA MET A 79 -9.57 2.03 4.87
C MET A 79 -11.06 1.92 5.13
N SER A 80 -11.80 2.96 4.78
CA SER A 80 -13.27 2.98 4.82
C SER A 80 -13.79 2.13 3.66
N ILE A 81 -14.59 1.10 3.96
CA ILE A 81 -15.14 0.20 2.90
C ILE A 81 -16.61 -0.04 3.15
N THR A 82 -17.31 -0.50 2.13
CA THR A 82 -18.70 -0.99 2.24
C THR A 82 -18.78 -2.40 1.66
N ASP A 83 -19.20 -3.38 2.47
CA ASP A 83 -19.46 -4.77 2.04
C ASP A 83 -20.92 -4.83 1.60
N CYS A 84 -21.19 -5.40 0.43
CA CYS A 84 -22.55 -5.69 -0.07
C CYS A 84 -22.75 -7.21 -0.11
N ARG A 85 -23.84 -7.71 0.50
CA ARG A 85 -24.13 -9.16 0.57
C ARG A 85 -25.57 -9.42 0.12
N GLU A 86 -25.77 -10.30 -0.86
CA GLU A 86 -27.11 -10.58 -1.43
C GLU A 86 -27.98 -11.17 -0.31
N THR A 87 -29.19 -10.62 -0.12
CA THR A 87 -30.16 -11.06 0.93
C THR A 87 -30.73 -12.45 0.55
N GLY A 88 -31.35 -13.13 1.50
CA GLY A 88 -31.98 -14.45 1.27
C GLY A 88 -33.13 -14.36 0.29
N SER A 89 -33.86 -13.24 0.32
CA SER A 89 -35.12 -13.01 -0.45
C SER A 89 -34.82 -12.37 -1.81
N SER A 90 -33.58 -11.96 -2.05
CA SER A 90 -33.11 -11.35 -3.33
C SER A 90 -33.37 -12.34 -4.48
N LYS A 91 -34.04 -11.90 -5.53
CA LYS A 91 -34.24 -12.72 -6.75
C LYS A 91 -34.09 -11.83 -7.99
N TYR A 92 -33.10 -12.19 -8.82
CA TYR A 92 -32.80 -11.58 -10.14
C TYR A 92 -34.09 -11.49 -10.95
N PRO A 93 -34.38 -10.36 -11.63
CA PRO A 93 -33.45 -9.24 -11.73
C PRO A 93 -33.60 -8.15 -10.64
N ASN A 94 -34.34 -8.45 -9.56
CA ASN A 94 -34.58 -7.53 -8.42
C ASN A 94 -33.56 -7.84 -7.32
N CYS A 95 -32.28 -7.62 -7.60
CA CYS A 95 -31.17 -7.98 -6.69
C CYS A 95 -31.19 -7.09 -5.44
N ALA A 96 -31.22 -7.72 -4.27
CA ALA A 96 -31.33 -7.05 -2.96
C ALA A 96 -30.08 -7.36 -2.13
N TYR A 97 -29.55 -6.33 -1.45
CA TYR A 97 -28.29 -6.41 -0.68
C TYR A 97 -28.43 -5.75 0.69
N LYS A 98 -27.71 -6.31 1.65
CA LYS A 98 -27.40 -5.70 2.95
C LYS A 98 -26.13 -4.84 2.80
N THR A 99 -26.19 -3.56 3.22
CA THR A 99 -25.09 -2.57 3.19
C THR A 99 -24.39 -2.54 4.55
N THR A 100 -23.12 -2.99 4.63
CA THR A 100 -22.30 -3.03 5.87
C THR A 100 -21.06 -2.15 5.70
N GLN A 101 -21.01 -1.04 6.42
CA GLN A 101 -19.86 -0.10 6.45
C GLN A 101 -18.85 -0.62 7.47
N ALA A 102 -17.56 -0.47 7.20
CA ALA A 102 -16.50 -0.90 8.13
C ALA A 102 -15.20 -0.17 7.83
N ASN A 103 -14.26 -0.20 8.76
CA ASN A 103 -12.88 0.29 8.56
C ASN A 103 -11.95 -0.90 8.72
N LYS A 104 -11.35 -1.36 7.64
CA LYS A 104 -10.53 -2.59 7.65
C LYS A 104 -9.34 -2.40 6.72
N HIS A 105 -8.34 -3.25 6.89
CA HIS A 105 -7.24 -3.36 5.90
C HIS A 105 -7.79 -4.05 4.67
N ILE A 106 -7.43 -3.57 3.49
CA ILE A 106 -7.87 -4.24 2.24
C ILE A 106 -6.73 -5.12 1.74
N ILE A 107 -7.06 -6.20 1.03
CA ILE A 107 -6.08 -7.02 0.29
C ILE A 107 -6.48 -7.01 -1.19
N VAL A 108 -5.60 -6.55 -2.06
CA VAL A 108 -5.86 -6.49 -3.53
C VAL A 108 -4.75 -7.25 -4.24
N ALA A 109 -5.07 -7.83 -5.39
CA ALA A 109 -4.09 -8.43 -6.32
C ALA A 109 -3.74 -7.35 -7.34
N CYS A 110 -2.47 -7.25 -7.68
CA CYS A 110 -1.96 -6.23 -8.64
C CYS A 110 -1.25 -6.93 -9.79
N GLU A 111 -1.33 -6.29 -10.96
CA GLU A 111 -0.75 -6.80 -12.21
C GLU A 111 -0.41 -5.62 -13.11
N GLY A 112 0.55 -5.84 -13.98
CA GLY A 112 0.76 -4.99 -15.17
C GLY A 112 1.88 -3.99 -14.99
N ASN A 113 2.10 -3.21 -16.03
CA ASN A 113 2.98 -2.05 -16.03
C ASN A 113 2.18 -0.90 -16.64
N PRO A 114 1.66 0.05 -15.84
CA PRO A 114 1.98 0.15 -14.42
C PRO A 114 1.31 -0.93 -13.55
N TYR A 115 1.88 -1.18 -12.37
CA TYR A 115 1.43 -2.23 -11.42
C TYR A 115 0.29 -1.68 -10.59
N VAL A 116 -0.93 -2.12 -10.89
CA VAL A 116 -2.19 -1.53 -10.34
C VAL A 116 -3.12 -2.64 -9.92
N PRO A 117 -4.11 -2.32 -9.06
CA PRO A 117 -5.05 -3.31 -8.58
C PRO A 117 -5.95 -3.83 -9.71
N VAL A 118 -6.14 -5.14 -9.76
CA VAL A 118 -7.02 -5.79 -10.77
C VAL A 118 -8.01 -6.74 -10.09
N HIS A 119 -7.89 -6.98 -8.78
CA HIS A 119 -8.77 -7.93 -8.07
C HIS A 119 -8.85 -7.54 -6.60
N PHE A 120 -10.06 -7.50 -6.04
CA PHE A 120 -10.27 -7.30 -4.59
C PHE A 120 -10.29 -8.70 -3.93
N ASP A 121 -9.35 -8.99 -3.05
CA ASP A 121 -9.18 -10.36 -2.51
C ASP A 121 -9.92 -10.53 -1.19
N ALA A 122 -9.81 -9.55 -0.28
CA ALA A 122 -10.28 -9.71 1.11
C ALA A 122 -10.17 -8.38 1.86
N SER A 123 -10.87 -8.29 2.98
CA SER A 123 -10.66 -7.24 3.99
C SER A 123 -10.41 -7.94 5.32
N VAL A 124 -9.56 -7.38 6.16
CA VAL A 124 -9.11 -8.02 7.42
C VAL A 124 -8.99 -6.94 8.50
N LYS B 1 3.97 -10.20 16.42
CA LYS B 1 4.92 -9.05 16.37
C LYS B 1 5.44 -8.91 14.93
N GLU B 2 5.32 -7.72 14.33
CA GLU B 2 5.89 -7.40 12.99
C GLU B 2 7.35 -7.81 12.99
N THR B 3 7.79 -8.57 11.98
CA THR B 3 9.21 -8.98 11.82
C THR B 3 10.03 -7.74 11.45
N ALA B 4 11.33 -7.79 11.70
CA ALA B 4 12.25 -6.70 11.35
C ALA B 4 12.24 -6.52 9.82
N ALA B 5 12.21 -7.61 9.05
CA ALA B 5 12.18 -7.54 7.57
C ALA B 5 10.91 -6.81 7.12
N ALA B 6 9.78 -7.12 7.74
CA ALA B 6 8.48 -6.54 7.36
C ALA B 6 8.46 -5.06 7.71
N LYS B 7 9.00 -4.71 8.86
CA LYS B 7 9.11 -3.29 9.29
C LYS B 7 9.98 -2.55 8.28
N PHE B 8 11.09 -3.14 7.82
CA PHE B 8 11.97 -2.49 6.83
C PHE B 8 11.18 -2.17 5.55
N GLU B 9 10.34 -3.11 5.09
CA GLU B 9 9.57 -2.91 3.85
C GLU B 9 8.54 -1.80 4.09
N ARG B 10 7.92 -1.78 5.26
CA ARG B 10 6.87 -0.78 5.59
C ARG B 10 7.51 0.61 5.65
N GLN B 11 8.66 0.73 6.29
CA GLN B 11 9.29 2.03 6.55
C GLN B 11 10.09 2.52 5.34
N HIS B 12 10.64 1.63 4.52
CA HIS B 12 11.70 2.04 3.58
C HIS B 12 11.45 1.63 2.12
N MET B 13 10.48 0.75 1.83
CA MET B 13 10.25 0.32 0.43
C MET B 13 9.02 1.00 -0.17
N ASP B 14 9.21 1.66 -1.31
CA ASP B 14 8.10 2.10 -2.20
C ASP B 14 8.54 1.89 -3.64
N SER B 15 8.46 0.65 -4.11
CA SER B 15 8.84 0.25 -5.49
C SER B 15 7.90 0.87 -6.53
N SER B 16 6.80 1.50 -6.08
CA SER B 16 5.72 2.12 -6.91
C SER B 16 6.30 2.87 -8.11
N THR B 17 6.86 4.05 -7.87
CA THR B 17 7.33 5.01 -8.91
C THR B 17 8.86 4.97 -8.96
N SER B 18 9.46 5.53 -10.02
CA SER B 18 10.93 5.62 -10.21
C SER B 18 11.49 6.76 -9.34
N ALA B 19 10.63 7.69 -8.89
CA ALA B 19 10.96 8.84 -8.03
C ALA B 19 9.68 9.44 -7.43
N ALA B 20 9.81 10.22 -6.36
CA ALA B 20 8.70 10.92 -5.66
C ALA B 20 8.55 12.33 -6.24
N SER B 21 7.59 12.52 -7.15
CA SER B 21 7.34 13.79 -7.89
C SER B 21 6.76 14.84 -6.95
N SER B 22 5.53 14.61 -6.45
CA SER B 22 4.76 15.54 -5.59
C SER B 22 5.60 15.98 -4.39
N SER B 23 5.58 17.29 -4.07
CA SER B 23 6.25 17.85 -2.87
C SER B 23 5.51 17.40 -1.60
N ASN B 24 4.35 16.76 -1.78
CA ASN B 24 3.48 16.27 -0.68
C ASN B 24 3.72 14.77 -0.44
N TYR B 25 4.55 14.14 -1.26
CA TYR B 25 4.84 12.68 -1.23
C TYR B 25 5.09 12.22 0.22
N CYS B 26 6.06 12.84 0.87
CA CYS B 26 6.49 12.49 2.26
C CYS B 26 5.34 12.66 3.26
N ASN B 27 4.59 13.76 3.17
CA ASN B 27 3.42 14.03 4.05
C ASN B 27 2.44 12.84 3.97
N GLN B 28 2.15 12.34 2.76
CA GLN B 28 1.18 11.22 2.53
C GLN B 28 1.80 9.88 2.95
N MET B 29 3.05 9.63 2.57
CA MET B 29 3.75 8.34 2.78
C MET B 29 4.00 8.12 4.27
N MET B 30 4.50 9.14 4.97
CA MET B 30 4.79 9.05 6.43
C MET B 30 3.48 8.76 7.18
N LYS B 31 2.35 9.29 6.70
CA LYS B 31 1.01 8.99 7.28
C LYS B 31 0.61 7.53 6.98
N SER B 32 0.63 7.13 5.71
CA SER B 32 0.08 5.83 5.24
C SER B 32 0.94 4.66 5.74
N ARG B 33 2.23 4.91 5.98
CA ARG B 33 3.16 3.86 6.47
C ARG B 33 3.17 3.86 8.01
N ASN B 34 2.28 4.65 8.64
CA ASN B 34 2.05 4.64 10.12
C ASN B 34 3.28 5.20 10.86
N LEU B 35 3.95 6.19 10.27
CA LEU B 35 5.17 6.82 10.86
C LEU B 35 4.85 8.18 11.49
N THR B 36 3.56 8.50 11.65
CA THR B 36 3.10 9.75 12.31
C THR B 36 2.06 9.43 13.39
N LYS B 37 1.93 8.17 13.78
CA LYS B 37 0.92 7.67 14.75
C LYS B 37 0.96 8.51 16.03
N ASP B 38 1.95 8.26 16.88
CA ASP B 38 2.04 8.83 18.26
C ASP B 38 2.89 10.09 18.23
N ARG B 39 3.88 10.13 17.33
CA ARG B 39 4.81 11.27 17.14
C ARG B 39 5.15 11.37 15.65
N CYS B 40 5.76 12.46 15.22
CA CYS B 40 6.30 12.63 13.85
C CYS B 40 7.65 11.95 13.79
N LYS B 41 7.81 10.87 13.02
CA LYS B 41 9.18 10.31 12.80
C LYS B 41 9.98 11.39 12.07
N PRO B 42 11.08 11.91 12.66
CA PRO B 42 11.76 13.08 12.09
C PRO B 42 12.41 12.84 10.73
N VAL B 43 13.09 11.70 10.53
CA VAL B 43 13.88 11.44 9.29
C VAL B 43 13.60 10.02 8.79
N ASN B 44 13.32 9.88 7.51
CA ASN B 44 12.99 8.54 6.94
C ASN B 44 13.25 8.53 5.45
N THR B 45 13.87 7.47 4.95
CA THR B 45 14.21 7.32 3.52
C THR B 45 13.34 6.24 2.89
N PHE B 46 12.79 6.53 1.70
CA PHE B 46 12.08 5.51 0.89
C PHE B 46 12.92 5.17 -0.33
N VAL B 47 12.99 3.88 -0.66
CA VAL B 47 13.78 3.36 -1.78
C VAL B 47 12.83 2.93 -2.91
N HIS B 48 13.06 3.47 -4.11
CA HIS B 48 12.24 3.25 -5.33
C HIS B 48 13.02 2.37 -6.31
N GLU B 49 13.39 1.19 -5.84
CA GLU B 49 13.94 0.09 -6.65
C GLU B 49 13.08 -1.14 -6.31
N SER B 50 13.16 -2.19 -7.11
CA SER B 50 12.48 -3.48 -6.85
C SER B 50 12.95 -4.03 -5.50
N LEU B 51 12.09 -4.76 -4.81
CA LEU B 51 12.46 -5.46 -3.56
C LEU B 51 13.63 -6.40 -3.85
N ALA B 52 13.61 -7.09 -4.99
CA ALA B 52 14.71 -8.01 -5.41
C ALA B 52 16.05 -7.26 -5.43
N ASP B 53 16.08 -6.06 -6.00
CA ASP B 53 17.32 -5.25 -6.13
C ASP B 53 17.81 -4.83 -4.73
N VAL B 54 16.88 -4.46 -3.86
CA VAL B 54 17.25 -4.02 -2.47
C VAL B 54 17.72 -5.25 -1.67
N GLN B 55 17.01 -6.38 -1.74
CA GLN B 55 17.44 -7.61 -1.02
C GLN B 55 18.83 -8.04 -1.53
N ALA B 56 19.14 -7.83 -2.80
CA ALA B 56 20.44 -8.19 -3.40
C ALA B 56 21.60 -7.40 -2.75
N VAL B 57 21.31 -6.26 -2.12
CA VAL B 57 22.38 -5.47 -1.42
C VAL B 57 23.04 -6.32 -0.34
N CYS B 58 22.35 -7.33 0.21
CA CYS B 58 22.87 -8.18 1.30
C CYS B 58 23.99 -9.10 0.79
N SER B 59 24.25 -9.11 -0.53
CA SER B 59 25.38 -9.86 -1.15
C SER B 59 26.37 -8.89 -1.82
N GLN B 60 26.35 -7.61 -1.44
CA GLN B 60 27.23 -6.58 -2.07
C GLN B 60 28.32 -6.16 -1.07
N LYS B 61 28.57 -4.87 -0.91
CA LYS B 61 29.80 -4.40 -0.21
C LYS B 61 29.58 -4.44 1.31
N ASN B 62 30.18 -5.41 1.98
CA ASN B 62 30.13 -5.51 3.47
C ASN B 62 30.87 -4.31 4.09
N VAL B 63 30.18 -3.61 4.99
CA VAL B 63 30.72 -2.45 5.77
C VAL B 63 30.25 -2.56 7.23
N ALA B 64 30.91 -1.87 8.16
CA ALA B 64 30.44 -1.77 9.55
C ALA B 64 29.14 -0.95 9.56
N CYS B 65 28.24 -1.27 10.47
CA CYS B 65 27.02 -0.49 10.76
C CYS B 65 27.40 0.66 11.71
N LYS B 66 26.56 1.67 11.80
CA LYS B 66 26.75 2.81 12.72
C LYS B 66 26.90 2.26 14.14
N ASN B 67 26.17 1.19 14.46
CA ASN B 67 26.10 0.63 15.84
C ASN B 67 27.31 -0.28 16.12
N GLY B 68 28.19 -0.49 15.14
CA GLY B 68 29.44 -1.26 15.29
C GLY B 68 29.32 -2.75 14.93
N GLN B 69 28.11 -3.26 14.71
CA GLN B 69 27.90 -4.61 14.12
C GLN B 69 28.54 -4.59 12.73
N THR B 70 28.82 -5.75 12.15
CA THR B 70 29.49 -5.85 10.82
C THR B 70 28.61 -6.61 9.82
N ASN B 71 27.28 -6.52 9.95
CA ASN B 71 26.28 -7.12 9.02
C ASN B 71 25.66 -6.03 8.14
N CYS B 72 26.40 -4.96 7.82
CA CYS B 72 25.87 -3.88 6.96
C CYS B 72 26.45 -4.04 5.57
N TYR B 73 25.68 -3.63 4.58
CA TYR B 73 26.05 -3.75 3.15
C TYR B 73 25.70 -2.46 2.45
N GLN B 74 26.64 -2.00 1.64
CA GLN B 74 26.45 -0.84 0.77
C GLN B 74 26.14 -1.35 -0.64
N SER B 75 25.12 -0.79 -1.27
CA SER B 75 24.74 -1.08 -2.66
C SER B 75 25.89 -0.67 -3.59
N TYR B 76 26.28 -1.54 -4.48
CA TYR B 76 27.33 -1.24 -5.48
C TYR B 76 26.84 -0.09 -6.38
N SER B 77 25.56 -0.10 -6.73
CA SER B 77 24.92 0.91 -7.63
C SER B 77 24.26 2.01 -6.80
N THR B 78 24.12 3.20 -7.37
CA THR B 78 23.18 4.20 -6.84
C THR B 78 21.76 3.69 -7.09
N MET B 79 20.84 4.08 -6.22
CA MET B 79 19.41 3.75 -6.29
C MET B 79 18.58 5.04 -6.17
N SER B 80 17.42 5.05 -6.80
CA SER B 80 16.42 6.11 -6.65
C SER B 80 15.84 6.07 -5.23
N ILE B 81 16.02 7.14 -4.47
CA ILE B 81 15.52 7.24 -3.08
C ILE B 81 14.79 8.56 -2.89
N THR B 82 13.92 8.63 -1.88
CA THR B 82 13.31 9.88 -1.39
C THR B 82 13.72 10.07 0.06
N ASP B 83 14.36 11.18 0.39
CA ASP B 83 14.70 11.57 1.78
C ASP B 83 13.54 12.40 2.32
N CYS B 84 12.86 11.93 3.38
CA CYS B 84 11.82 12.68 4.11
C CYS B 84 12.45 13.23 5.40
N ARG B 85 12.45 14.55 5.57
CA ARG B 85 12.95 15.17 6.81
C ARG B 85 11.91 16.18 7.29
N GLU B 86 11.51 16.04 8.55
CA GLU B 86 10.54 16.93 9.21
C GLU B 86 11.05 18.37 9.09
N THR B 87 10.15 19.32 8.82
CA THR B 87 10.47 20.77 8.75
C THR B 87 10.76 21.26 10.17
N GLY B 88 11.39 22.42 10.30
CA GLY B 88 11.68 23.05 11.60
C GLY B 88 10.41 23.48 12.32
N SER B 89 9.33 23.69 11.57
CA SER B 89 8.05 24.22 12.10
C SER B 89 7.01 23.11 12.29
N SER B 90 7.36 21.85 11.96
CA SER B 90 6.45 20.66 12.09
C SER B 90 6.13 20.42 13.56
N LYS B 91 4.84 20.23 13.87
CA LYS B 91 4.33 19.97 15.24
C LYS B 91 3.19 18.95 15.17
N TYR B 92 3.41 17.78 15.77
CA TYR B 92 2.39 16.70 15.94
C TYR B 92 1.15 17.34 16.57
N PRO B 93 -0.09 16.93 16.21
CA PRO B 93 -0.32 15.86 15.25
C PRO B 93 -0.39 16.28 13.78
N ASN B 94 0.14 17.46 13.43
CA ASN B 94 0.18 17.96 12.02
C ASN B 94 1.63 17.89 11.53
N CYS B 95 2.12 16.67 11.26
CA CYS B 95 3.52 16.40 10.89
C CYS B 95 3.77 16.89 9.47
N ALA B 96 4.83 17.67 9.28
CA ALA B 96 5.20 18.29 7.99
C ALA B 96 6.62 17.84 7.62
N TYR B 97 6.80 17.43 6.36
CA TYR B 97 8.09 16.93 5.84
C TYR B 97 8.47 17.70 4.58
N LYS B 98 9.77 17.86 4.39
CA LYS B 98 10.38 18.24 3.10
C LYS B 98 10.70 16.95 2.35
N THR B 99 10.19 16.82 1.13
CA THR B 99 10.45 15.69 0.21
C THR B 99 11.67 16.04 -0.64
N THR B 100 12.74 15.25 -0.58
CA THR B 100 13.96 15.46 -1.39
C THR B 100 14.28 14.18 -2.18
N GLN B 101 14.16 14.23 -3.51
CA GLN B 101 14.51 13.12 -4.43
C GLN B 101 16.03 13.02 -4.55
N ALA B 102 16.57 11.80 -4.61
CA ALA B 102 18.03 11.58 -4.69
C ALA B 102 18.34 10.24 -5.37
N ASN B 103 19.58 10.14 -5.87
CA ASN B 103 20.18 8.90 -6.45
C ASN B 103 21.46 8.63 -5.69
N LYS B 104 21.43 7.69 -4.74
CA LYS B 104 22.59 7.44 -3.86
C LYS B 104 22.72 5.95 -3.59
N HIS B 105 23.89 5.54 -3.10
CA HIS B 105 24.11 4.16 -2.59
C HIS B 105 23.37 4.06 -1.26
N ILE B 106 22.75 2.93 -0.98
CA ILE B 106 22.09 2.72 0.34
C ILE B 106 22.98 1.78 1.15
N ILE B 107 22.93 1.91 2.47
CA ILE B 107 23.62 1.01 3.42
C ILE B 107 22.52 0.44 4.32
N VAL B 108 22.38 -0.87 4.31
CA VAL B 108 21.34 -1.58 5.10
C VAL B 108 22.03 -2.65 5.92
N ALA B 109 21.44 -2.99 7.06
CA ALA B 109 21.86 -4.15 7.87
C ALA B 109 21.02 -5.35 7.43
N CYS B 110 21.65 -6.49 7.28
CA CYS B 110 20.97 -7.72 6.79
C CYS B 110 21.00 -8.80 7.86
N GLU B 111 19.91 -9.56 7.98
CA GLU B 111 19.82 -10.59 9.03
C GLU B 111 18.74 -11.59 8.65
N GLY B 112 18.88 -12.80 9.19
CA GLY B 112 17.83 -13.84 9.15
C GLY B 112 17.89 -14.69 7.91
N ASN B 113 16.92 -15.58 7.76
CA ASN B 113 16.82 -16.50 6.61
C ASN B 113 15.39 -16.42 6.11
N PRO B 114 15.14 -15.88 4.90
CA PRO B 114 16.19 -15.40 3.99
C PRO B 114 16.97 -14.18 4.51
N TYR B 115 18.18 -13.98 3.99
CA TYR B 115 19.12 -12.94 4.47
C TYR B 115 18.76 -11.63 3.77
N VAL B 116 17.95 -10.80 4.43
CA VAL B 116 17.33 -9.58 3.85
C VAL B 116 17.55 -8.37 4.74
N PRO B 117 17.28 -7.15 4.22
CA PRO B 117 17.45 -5.94 5.02
C PRO B 117 16.49 -5.87 6.21
N VAL B 118 17.02 -5.48 7.37
CA VAL B 118 16.24 -5.31 8.62
C VAL B 118 16.43 -3.89 9.19
N HIS B 119 17.28 -3.08 8.58
CA HIS B 119 17.59 -1.72 9.09
C HIS B 119 18.19 -0.90 7.97
N PHE B 120 17.75 0.35 7.84
CA PHE B 120 18.30 1.34 6.90
C PHE B 120 19.34 2.16 7.67
N ASP B 121 20.62 2.00 7.35
CA ASP B 121 21.72 2.62 8.13
C ASP B 121 22.00 4.03 7.61
N ALA B 122 22.04 4.23 6.30
CA ALA B 122 22.42 5.52 5.70
C ALA B 122 22.32 5.45 4.18
N SER B 123 22.36 6.62 3.52
CA SER B 123 22.65 6.73 2.08
C SER B 123 23.96 7.51 1.91
N VAL B 124 24.78 7.11 0.94
CA VAL B 124 26.07 7.79 0.64
C VAL B 124 26.20 8.03 -0.87
N V2G C . -12.79 -9.27 -8.36
CA V2G C . -12.26 -7.88 -8.16
C V2G C . -11.71 -7.27 -9.53
O V2G C . -12.22 -6.20 -10.02
OXT V2G C . -10.76 -7.90 -10.04
P V2G C . -12.67 -10.27 -9.81
O1 V2G C . -13.74 -9.88 -10.76
O2 V2G C . -11.24 -10.27 -10.29
O5' V2G C . -13.05 -11.79 -9.28
C5' V2G C . -12.84 -12.96 -10.11
C4' V2G C . -11.42 -12.87 -10.65
O4' V2G C . -10.48 -12.93 -9.58
C3' V2G C . -11.03 -14.03 -11.56
O3' V2G C . -11.08 -13.61 -12.92
C2' V2G C . -9.57 -14.27 -11.15
O2' V2G C . -8.69 -14.34 -12.29
C1' V2G C . -9.27 -13.02 -10.31
N9 V2G C . -8.14 -13.22 -9.41
C8 V2G C . -8.11 -13.96 -8.30
N7 V2G C . -6.88 -13.86 -7.77
C5 V2G C . -6.15 -13.11 -8.61
C4 V2G C . -6.95 -12.71 -9.62
N3 V2G C . -6.53 -11.87 -10.60
C2 V2G C . -5.17 -11.38 -10.66
N1 V2G C . -4.38 -11.91 -9.56
C6 V2G C . -4.90 -12.72 -8.58
N6 V2G C . -4.19 -13.17 -7.55
N V2G D . 14.65 3.17 10.73
CA V2G D . 14.72 4.14 9.63
C V2G D . 15.37 5.47 10.06
O V2G D . 15.76 6.22 9.13
OXT V2G D . 15.46 5.70 11.29
P V2G D . 15.73 1.93 10.75
O1 V2G D . 15.44 1.03 9.59
O2 V2G D . 17.06 2.58 10.85
O5' V2G D . 15.39 1.14 12.18
C5' V2G D . 15.47 -0.29 12.30
C4' V2G D . 15.88 -0.69 13.73
O4' V2G D . 16.56 -1.97 13.69
C3' V2G D . 16.87 0.34 14.30
O3' V2G D . 16.24 1.17 15.26
C2' V2G D . 17.96 -0.47 14.98
O2' V2G D . 17.95 -0.23 16.41
C1' V2G D . 17.66 -1.95 14.65
N9 V2G D . 18.86 -2.60 14.04
C8 V2G D . 18.97 -3.83 13.54
N7 V2G D . 20.22 -3.96 13.07
C5 V2G D . 20.87 -2.81 13.30
C4 V2G D . 20.02 -1.97 13.88
N3 V2G D . 20.37 -0.73 14.22
C2 V2G D . 21.70 -0.19 13.96
N1 V2G D . 22.56 -1.20 13.29
C6 V2G D . 22.10 -2.41 12.99
N6 V2G D . 22.89 -3.32 12.45
#